data_1G01
#
_entry.id   1G01
#
_cell.length_a   98.2
_cell.length_b   98.2
_cell.length_c   122.0
_cell.angle_alpha   90
_cell.angle_beta   90
_cell.angle_gamma   120
#
_symmetry.space_group_name_H-M   'P 32 2 1'
#
loop_
_entity.id
_entity.type
_entity.pdbx_description
1 polymer ENDOGLUCANASE
2 non-polymer 'CADMIUM ION'
3 non-polymer 'ACETIC ACID'
4 water water
#
_entity_poly.entity_id   1
_entity_poly.type   'polypeptide(L)'
_entity_poly.pdbx_seq_one_letter_code
;GRPAGMQAVKSPSEAGALQLVELNGQLTLAGEDGTPVQLRGMSTHGLQWFGEIVNENAFVALSNDWGSNMIRLAMYIGEN
GYATNPEVKDLVYEGIELAFEHDMYVIVDWHVHAPGDPRADVYSGAYDFFEEIADHYKDHPKNHYIIWELANEPSPNNNG
GPGLTNDEKGWEAVKEYAEPIVEMLREKGDNMILVGNPNWSQRPDLSADNPIDAENIMYSVHFYTGSHGASHIGYPEGTP
SSERSNVMANVRYALDNGVAVFATEWGTSQANGDGGPYFDEADVWLNFLNKHNISWANWSLTNKNEISGAFTPFELGRTD
ATDLDPGANQVWAPEELSLSGEYVRARIKGIEYTPIDRTKFTKL
;
_entity_poly.pdbx_strand_id   A
#
loop_
_chem_comp.id
_chem_comp.type
_chem_comp.name
_chem_comp.formula
ACY non-polymer 'ACETIC ACID' 'C2 H4 O2'
CD non-polymer 'CADMIUM ION' 'Cd 2'
#
# COMPACT_ATOMS: atom_id res chain seq x y z
N PRO A 3 15.87 -9.14 -12.93
CA PRO A 3 17.09 -9.51 -12.24
C PRO A 3 16.85 -10.89 -11.65
N ALA A 4 17.81 -11.49 -10.95
CA ALA A 4 17.64 -12.81 -10.37
C ALA A 4 16.86 -12.70 -9.07
N GLY A 5 16.10 -13.74 -8.73
CA GLY A 5 15.34 -13.78 -7.50
C GLY A 5 14.05 -12.97 -7.61
N MET A 6 13.62 -12.73 -8.85
CA MET A 6 12.43 -11.93 -9.11
C MET A 6 11.27 -12.76 -9.62
N GLN A 7 11.43 -14.09 -9.57
CA GLN A 7 10.46 -15.07 -10.07
C GLN A 7 9.02 -14.86 -9.64
N ALA A 8 8.82 -14.49 -8.38
CA ALA A 8 7.48 -14.30 -7.85
C ALA A 8 6.88 -12.93 -8.17
N VAL A 9 7.63 -11.97 -8.68
CA VAL A 9 7.10 -10.63 -8.92
C VAL A 9 6.57 -10.62 -10.35
N LYS A 10 5.44 -11.29 -10.52
CA LYS A 10 4.82 -11.48 -11.82
C LYS A 10 3.79 -10.42 -12.15
N SER A 11 3.69 -10.14 -13.44
CA SER A 11 2.75 -9.20 -13.99
C SER A 11 1.35 -9.79 -13.94
N PRO A 12 0.25 -9.04 -13.79
CA PRO A 12 -1.11 -9.57 -13.84
C PRO A 12 -1.48 -10.38 -15.06
N SER A 13 -0.91 -10.06 -16.23
CA SER A 13 -1.18 -10.81 -17.45
C SER A 13 -0.71 -12.25 -17.31
N GLU A 14 0.32 -12.46 -16.48
CA GLU A 14 0.85 -13.78 -16.26
C GLU A 14 0.19 -14.46 -15.06
N ALA A 15 0.19 -13.78 -13.91
CA ALA A 15 -0.33 -14.38 -12.69
C ALA A 15 -1.85 -14.55 -12.64
N GLY A 16 -2.62 -13.67 -13.27
CA GLY A 16 -4.07 -13.82 -13.31
C GLY A 16 -4.75 -13.45 -12.01
N ALA A 17 -5.85 -14.10 -11.64
CA ALA A 17 -6.59 -13.78 -10.43
C ALA A 17 -5.82 -14.22 -9.20
N LEU A 18 -5.76 -13.30 -8.26
CA LEU A 18 -5.07 -13.48 -7.00
C LEU A 18 -5.90 -14.31 -6.03
N GLN A 19 -5.22 -15.03 -5.15
CA GLN A 19 -5.86 -15.88 -4.16
C GLN A 19 -4.89 -16.08 -3.01
N LEU A 20 -5.35 -16.67 -1.89
CA LEU A 20 -4.48 -16.95 -0.77
C LEU A 20 -4.35 -18.45 -0.69
N VAL A 21 -3.13 -18.95 -0.60
CA VAL A 21 -2.90 -20.39 -0.48
C VAL A 21 -2.13 -20.62 0.81
N GLU A 22 -2.23 -21.81 1.37
CA GLU A 22 -1.52 -22.14 2.58
C GLU A 22 -0.17 -22.69 2.17
N LEU A 23 0.90 -21.98 2.51
CA LEU A 23 2.25 -22.38 2.19
C LEU A 23 2.95 -22.40 3.53
N ASN A 24 3.44 -23.59 3.90
CA ASN A 24 4.18 -23.85 5.14
C ASN A 24 3.43 -23.47 6.40
N GLY A 25 2.12 -23.76 6.42
CA GLY A 25 1.29 -23.45 7.57
C GLY A 25 0.87 -21.99 7.65
N GLN A 26 1.25 -21.13 6.71
CA GLN A 26 0.87 -19.73 6.76
C GLN A 26 0.14 -19.41 5.46
N LEU A 27 -0.75 -18.41 5.42
CA LEU A 27 -1.44 -18.01 4.20
C LEU A 27 -0.63 -16.99 3.43
N THR A 28 -0.46 -17.17 2.12
CA THR A 28 0.32 -16.26 1.30
C THR A 28 -0.40 -15.98 -0.01
N LEU A 29 -0.10 -14.81 -0.59
CA LEU A 29 -0.65 -14.40 -1.88
C LEU A 29 -0.10 -15.28 -2.98
N ALA A 30 -0.99 -15.71 -3.88
CA ALA A 30 -0.64 -16.55 -4.98
C ALA A 30 -1.46 -16.16 -6.19
N GLY A 31 -0.96 -16.50 -7.38
CA GLY A 31 -1.69 -16.26 -8.60
C GLY A 31 -2.62 -17.42 -8.84
N GLU A 32 -3.30 -17.36 -9.99
CA GLU A 32 -4.25 -18.35 -10.44
C GLU A 32 -3.78 -19.80 -10.34
N ASP A 33 -2.54 -20.08 -10.68
CA ASP A 33 -2.03 -21.44 -10.62
C ASP A 33 -1.61 -21.91 -9.23
N GLY A 34 -1.79 -21.07 -8.23
CA GLY A 34 -1.49 -21.42 -6.85
C GLY A 34 -0.06 -21.15 -6.42
N THR A 35 0.84 -20.69 -7.30
CA THR A 35 2.20 -20.41 -6.88
C THR A 35 2.26 -19.00 -6.32
N PRO A 36 3.09 -18.72 -5.29
CA PRO A 36 3.17 -17.43 -4.62
C PRO A 36 3.54 -16.29 -5.57
N VAL A 37 2.93 -15.13 -5.37
CA VAL A 37 3.17 -13.97 -6.20
C VAL A 37 3.43 -12.83 -5.22
N GLN A 38 4.36 -11.93 -5.53
CA GLN A 38 4.63 -10.80 -4.67
C GLN A 38 4.47 -9.59 -5.54
N LEU A 39 3.81 -8.58 -5.01
CA LEU A 39 3.64 -7.33 -5.73
C LEU A 39 4.52 -6.29 -5.05
N ARG A 40 5.18 -5.50 -5.88
CA ARG A 40 6.08 -4.44 -5.46
C ARG A 40 5.71 -3.23 -6.30
N GLY A 41 5.55 -2.08 -5.65
CA GLY A 41 5.19 -0.88 -6.38
C GLY A 41 5.19 0.34 -5.47
N MET A 42 4.65 1.40 -6.05
CA MET A 42 4.58 2.71 -5.43
C MET A 42 3.16 3.12 -5.13
N SER A 43 2.99 3.95 -4.10
CA SER A 43 1.72 4.55 -3.76
C SER A 43 1.81 5.98 -4.25
N THR A 44 0.69 6.50 -4.75
CA THR A 44 0.60 7.91 -5.06
C THR A 44 0.57 8.63 -3.71
N HIS A 45 0.83 9.93 -3.67
CA HIS A 45 0.58 10.70 -2.47
C HIS A 45 -0.93 10.99 -2.59
N GLY A 46 -1.53 11.89 -1.80
CA GLY A 46 -2.94 12.21 -1.95
C GLY A 46 -3.29 12.65 -3.35
N LEU A 47 -4.27 11.98 -3.96
CA LEU A 47 -4.68 12.32 -5.31
C LEU A 47 -5.24 13.74 -5.42
N GLN A 48 -5.67 14.35 -4.33
CA GLN A 48 -6.13 15.74 -4.37
C GLN A 48 -4.95 16.71 -4.35
N TRP A 49 -3.73 16.27 -4.06
CA TRP A 49 -2.59 17.15 -4.01
C TRP A 49 -1.57 16.87 -5.11
N PHE A 50 -1.40 15.59 -5.46
CA PHE A 50 -0.38 15.18 -6.41
C PHE A 50 -0.93 14.19 -7.42
N GLY A 51 -2.13 14.51 -7.91
CA GLY A 51 -2.83 13.69 -8.88
C GLY A 51 -2.20 13.70 -10.26
N GLU A 52 -1.26 14.62 -10.51
CA GLU A 52 -0.57 14.74 -11.78
C GLU A 52 0.20 13.49 -12.18
N ILE A 53 0.53 12.64 -11.20
CA ILE A 53 1.23 11.40 -11.44
C ILE A 53 0.39 10.43 -12.27
N VAL A 54 -0.94 10.57 -12.27
CA VAL A 54 -1.79 9.70 -13.06
C VAL A 54 -1.74 10.22 -14.49
N ASN A 55 -0.76 9.71 -15.23
CA ASN A 55 -0.55 10.06 -16.62
C ASN A 55 0.16 8.89 -17.30
N GLU A 56 -0.01 8.81 -18.61
CA GLU A 56 0.45 7.71 -19.43
C GLU A 56 1.91 7.36 -19.26
N ASN A 57 2.76 8.36 -19.47
CA ASN A 57 4.20 8.18 -19.43
C ASN A 57 4.70 7.74 -18.07
N ALA A 58 4.11 8.29 -16.99
CA ALA A 58 4.45 7.91 -15.63
C ALA A 58 4.10 6.45 -15.35
N PHE A 59 2.90 5.99 -15.70
CA PHE A 59 2.55 4.60 -15.47
C PHE A 59 3.38 3.66 -16.33
N VAL A 60 3.79 4.04 -17.56
CA VAL A 60 4.68 3.22 -18.39
C VAL A 60 6.04 3.14 -17.71
N ALA A 61 6.56 4.26 -17.21
CA ALA A 61 7.86 4.30 -16.53
C ALA A 61 7.86 3.40 -15.30
N LEU A 62 6.82 3.53 -14.47
CA LEU A 62 6.73 2.76 -13.24
C LEU A 62 6.57 1.27 -13.51
N SER A 63 5.82 0.89 -14.54
CA SER A 63 5.66 -0.50 -14.85
C SER A 63 6.90 -1.06 -15.51
N ASN A 64 7.47 -0.38 -16.50
CA ASN A 64 8.60 -0.91 -17.23
C ASN A 64 9.93 -0.50 -16.66
N ASP A 65 10.29 0.78 -16.62
CA ASP A 65 11.61 1.17 -16.13
C ASP A 65 11.81 0.80 -14.68
N TRP A 66 10.83 1.02 -13.80
CA TRP A 66 10.97 0.65 -12.40
C TRP A 66 10.63 -0.82 -12.17
N GLY A 67 10.01 -1.52 -13.12
CA GLY A 67 9.65 -2.92 -12.96
C GLY A 67 8.49 -3.17 -11.99
N SER A 68 7.64 -2.19 -11.67
CA SER A 68 6.54 -2.41 -10.72
C SER A 68 5.46 -3.31 -11.30
N ASN A 69 4.93 -4.29 -10.57
CA ASN A 69 3.80 -5.06 -11.10
C ASN A 69 2.51 -4.63 -10.40
N MET A 70 2.54 -3.51 -9.69
CA MET A 70 1.39 -2.98 -8.97
C MET A 70 1.57 -1.49 -8.71
N ILE A 71 0.47 -0.75 -8.53
CA ILE A 71 0.53 0.64 -8.11
C ILE A 71 -0.64 0.89 -7.16
N ARG A 72 -0.54 1.81 -6.20
CA ARG A 72 -1.58 2.08 -5.22
C ARG A 72 -2.07 3.50 -5.41
N LEU A 73 -3.39 3.68 -5.46
CA LEU A 73 -3.98 4.97 -5.70
C LEU A 73 -4.61 5.42 -4.39
N ALA A 74 -3.95 6.37 -3.75
CA ALA A 74 -4.36 6.89 -2.46
C ALA A 74 -5.41 8.00 -2.55
N MET A 75 -6.68 7.66 -2.43
CA MET A 75 -7.74 8.66 -2.50
C MET A 75 -8.14 9.06 -1.08
N TYR A 76 -7.62 10.20 -0.62
CA TYR A 76 -8.01 10.77 0.67
C TYR A 76 -9.47 11.18 0.56
N ILE A 77 -10.18 11.16 1.67
CA ILE A 77 -11.58 11.54 1.74
C ILE A 77 -11.66 12.82 2.53
N GLY A 78 -11.03 12.89 3.71
CA GLY A 78 -10.94 14.14 4.45
C GLY A 78 -9.76 14.91 3.88
N GLU A 79 -9.32 15.98 4.55
CA GLU A 79 -8.21 16.81 4.11
C GLU A 79 -8.30 17.23 2.65
N ASN A 80 -9.47 17.80 2.34
CA ASN A 80 -9.83 18.32 1.03
C ASN A 80 -9.83 17.23 -0.04
N GLY A 81 -10.11 16.00 0.36
CA GLY A 81 -10.18 14.91 -0.59
C GLY A 81 -11.62 14.72 -1.03
N TYR A 82 -11.96 13.46 -1.31
CA TYR A 82 -13.26 13.06 -1.84
C TYR A 82 -14.52 13.62 -1.18
N ALA A 83 -14.55 13.85 0.13
CA ALA A 83 -15.75 14.32 0.80
C ALA A 83 -16.11 15.73 0.36
N THR A 84 -15.09 16.58 0.21
CA THR A 84 -15.35 17.94 -0.21
C THR A 84 -15.10 18.16 -1.70
N ASN A 85 -14.29 17.30 -2.30
CA ASN A 85 -13.90 17.45 -3.70
C ASN A 85 -14.08 16.13 -4.42
N PRO A 86 -15.30 15.79 -4.84
CA PRO A 86 -15.64 14.48 -5.43
C PRO A 86 -14.87 14.15 -6.71
N GLU A 87 -14.40 15.19 -7.39
CA GLU A 87 -13.66 15.10 -8.65
C GLU A 87 -12.44 14.21 -8.56
N VAL A 88 -11.86 14.07 -7.36
CA VAL A 88 -10.69 13.24 -7.19
C VAL A 88 -10.98 11.79 -7.60
N LYS A 89 -12.22 11.30 -7.51
CA LYS A 89 -12.57 9.94 -7.94
C LYS A 89 -12.31 9.71 -9.43
N ASP A 90 -12.30 10.78 -10.24
CA ASP A 90 -12.00 10.67 -11.66
C ASP A 90 -10.60 10.09 -11.86
N LEU A 91 -9.69 10.48 -10.97
CA LEU A 91 -8.32 10.01 -11.05
C LEU A 91 -8.18 8.55 -10.68
N VAL A 92 -9.12 8.03 -9.87
CA VAL A 92 -9.11 6.62 -9.50
C VAL A 92 -9.43 5.85 -10.77
N TYR A 93 -10.49 6.23 -11.48
CA TYR A 93 -10.85 5.60 -12.75
C TYR A 93 -9.72 5.65 -13.76
N GLU A 94 -9.14 6.82 -13.99
CA GLU A 94 -8.03 6.96 -14.94
C GLU A 94 -6.82 6.12 -14.58
N GLY A 95 -6.49 6.07 -13.29
CA GLY A 95 -5.41 5.25 -12.78
C GLY A 95 -5.67 3.77 -13.03
N ILE A 96 -6.90 3.31 -12.80
CA ILE A 96 -7.25 1.91 -13.04
C ILE A 96 -7.09 1.60 -14.52
N GLU A 97 -7.58 2.49 -15.40
CA GLU A 97 -7.45 2.30 -16.82
C GLU A 97 -6.00 2.16 -17.27
N LEU A 98 -5.12 3.02 -16.76
CA LEU A 98 -3.71 2.97 -17.11
C LEU A 98 -3.03 1.74 -16.55
N ALA A 99 -3.37 1.30 -15.33
CA ALA A 99 -2.80 0.10 -14.72
C ALA A 99 -3.17 -1.12 -15.54
N PHE A 100 -4.44 -1.20 -15.97
CA PHE A 100 -4.93 -2.25 -16.85
C PHE A 100 -4.13 -2.31 -18.13
N GLU A 101 -3.98 -1.14 -18.75
CA GLU A 101 -3.27 -1.01 -20.01
C GLU A 101 -1.80 -1.35 -19.91
N HIS A 102 -1.22 -0.98 -18.77
CA HIS A 102 0.21 -1.13 -18.58
C HIS A 102 0.62 -2.26 -17.66
N ASP A 103 -0.32 -3.18 -17.49
CA ASP A 103 -0.10 -4.43 -16.82
C ASP A 103 0.37 -4.36 -15.37
N MET A 104 -0.34 -3.62 -14.53
CA MET A 104 -0.02 -3.58 -13.12
C MET A 104 -1.30 -3.85 -12.36
N TYR A 105 -1.24 -4.54 -11.22
CA TYR A 105 -2.41 -4.69 -10.36
C TYR A 105 -2.60 -3.30 -9.77
N VAL A 106 -3.81 -2.88 -9.44
CA VAL A 106 -4.02 -1.54 -8.94
C VAL A 106 -4.76 -1.61 -7.62
N ILE A 107 -4.24 -0.95 -6.59
CA ILE A 107 -4.90 -0.91 -5.30
C ILE A 107 -5.73 0.36 -5.23
N VAL A 108 -7.05 0.20 -5.09
CA VAL A 108 -7.96 1.32 -4.93
C VAL A 108 -8.06 1.54 -3.44
N ASP A 109 -7.41 2.60 -2.95
CA ASP A 109 -7.34 2.85 -1.53
C ASP A 109 -8.22 3.98 -1.01
N TRP A 110 -9.22 3.61 -0.21
CA TRP A 110 -10.06 4.57 0.50
C TRP A 110 -9.13 4.96 1.63
N HIS A 111 -8.48 6.10 1.46
CA HIS A 111 -7.43 6.50 2.37
C HIS A 111 -7.83 7.18 3.66
N VAL A 112 -8.42 6.37 4.56
CA VAL A 112 -8.78 6.78 5.93
C VAL A 112 -7.48 7.24 6.56
N HIS A 113 -7.55 8.42 7.17
CA HIS A 113 -6.37 9.04 7.71
C HIS A 113 -6.72 10.08 8.77
N ALA A 114 -7.34 11.21 8.44
CA ALA A 114 -7.73 12.20 9.44
C ALA A 114 -9.22 12.33 9.20
N PRO A 115 -10.13 11.85 10.07
CA PRO A 115 -9.84 11.15 11.32
C PRO A 115 -9.44 9.68 11.23
N GLY A 116 -9.05 9.07 12.34
CA GLY A 116 -8.56 7.71 12.34
C GLY A 116 -9.66 6.67 12.49
N ASP A 117 -10.88 7.02 12.87
CA ASP A 117 -11.93 6.01 12.96
C ASP A 117 -12.60 5.92 11.59
N PRO A 118 -12.59 4.79 10.86
CA PRO A 118 -13.22 4.68 9.55
C PRO A 118 -14.74 4.80 9.56
N ARG A 119 -15.37 4.71 10.73
CA ARG A 119 -16.81 4.83 10.87
C ARG A 119 -17.22 6.30 10.99
N ALA A 120 -16.27 7.24 11.08
CA ALA A 120 -16.61 8.65 11.21
C ALA A 120 -17.43 9.16 10.05
N ASP A 121 -18.28 10.15 10.36
CA ASP A 121 -19.23 10.72 9.42
C ASP A 121 -18.63 11.15 8.10
N VAL A 122 -17.44 11.75 8.09
CA VAL A 122 -16.85 12.19 6.84
C VAL A 122 -16.64 11.04 5.86
N TYR A 123 -16.52 9.81 6.36
CA TYR A 123 -16.33 8.63 5.54
C TYR A 123 -17.64 7.96 5.14
N SER A 124 -18.80 8.62 5.25
CA SER A 124 -20.08 8.02 4.91
C SER A 124 -20.25 7.44 3.52
N GLY A 125 -19.53 7.95 2.53
CA GLY A 125 -19.63 7.49 1.17
C GLY A 125 -18.81 6.25 0.88
N ALA A 126 -18.13 5.62 1.84
CA ALA A 126 -17.30 4.44 1.61
C ALA A 126 -18.00 3.29 0.90
N TYR A 127 -19.14 2.84 1.43
CA TYR A 127 -19.88 1.74 0.84
C TYR A 127 -20.28 2.07 -0.59
N ASP A 128 -20.85 3.26 -0.82
CA ASP A 128 -21.27 3.62 -2.15
C ASP A 128 -20.13 3.82 -3.11
N PHE A 129 -18.98 4.28 -2.62
CA PHE A 129 -17.80 4.43 -3.43
C PHE A 129 -17.37 3.05 -3.95
N PHE A 130 -17.14 2.09 -3.05
CA PHE A 130 -16.71 0.77 -3.50
C PHE A 130 -17.75 0.07 -4.35
N GLU A 131 -19.04 0.24 -4.04
CA GLU A 131 -20.12 -0.35 -4.83
C GLU A 131 -20.02 0.17 -6.26
N GLU A 132 -19.86 1.47 -6.41
CA GLU A 132 -19.76 2.12 -7.70
C GLU A 132 -18.57 1.65 -8.54
N ILE A 133 -17.35 1.61 -7.98
CA ILE A 133 -16.17 1.21 -8.74
C ILE A 133 -16.29 -0.28 -9.09
N ALA A 134 -16.72 -1.10 -8.13
CA ALA A 134 -16.87 -2.53 -8.34
C ALA A 134 -17.90 -2.80 -9.43
N ASP A 135 -19.02 -2.08 -9.39
CA ASP A 135 -20.06 -2.21 -10.39
C ASP A 135 -19.58 -1.88 -11.78
N HIS A 136 -18.81 -0.80 -11.90
CA HIS A 136 -18.31 -0.42 -13.20
C HIS A 136 -17.38 -1.51 -13.73
N TYR A 137 -16.48 -2.06 -12.94
CA TYR A 137 -15.55 -3.03 -13.49
C TYR A 137 -15.92 -4.50 -13.42
N LYS A 138 -17.01 -4.94 -12.77
CA LYS A 138 -17.40 -6.35 -12.63
C LYS A 138 -17.16 -7.26 -13.84
N ASP A 139 -17.62 -6.75 -14.99
CA ASP A 139 -17.56 -7.45 -16.26
C ASP A 139 -16.27 -7.36 -17.03
N HIS A 140 -15.42 -6.37 -16.71
CA HIS A 140 -14.19 -6.14 -17.45
C HIS A 140 -13.30 -7.39 -17.46
N PRO A 141 -12.72 -7.83 -18.59
CA PRO A 141 -11.79 -8.97 -18.64
C PRO A 141 -10.56 -8.83 -17.74
N LYS A 142 -10.26 -7.60 -17.36
CA LYS A 142 -9.16 -7.29 -16.45
C LYS A 142 -9.66 -6.89 -15.08
N ASN A 143 -10.90 -7.22 -14.68
CA ASN A 143 -11.41 -6.84 -13.36
C ASN A 143 -10.53 -7.38 -12.25
N HIS A 144 -9.98 -8.59 -12.44
CA HIS A 144 -9.10 -9.18 -11.45
C HIS A 144 -7.79 -8.43 -11.19
N TYR A 145 -7.49 -7.34 -11.89
CA TYR A 145 -6.31 -6.53 -11.61
C TYR A 145 -6.55 -5.63 -10.39
N ILE A 146 -7.80 -5.36 -10.04
CA ILE A 146 -8.14 -4.44 -8.94
C ILE A 146 -8.02 -5.14 -7.60
N ILE A 147 -7.47 -4.43 -6.62
CA ILE A 147 -7.37 -4.90 -5.25
C ILE A 147 -8.05 -3.77 -4.47
N TRP A 148 -8.96 -4.06 -3.56
CA TRP A 148 -9.68 -3.05 -2.80
C TRP A 148 -8.99 -2.83 -1.45
N GLU A 149 -8.68 -1.61 -1.01
CA GLU A 149 -8.10 -1.38 0.31
C GLU A 149 -9.11 -0.46 0.97
N LEU A 150 -9.80 -1.02 1.96
CA LEU A 150 -10.95 -0.34 2.56
C LEU A 150 -10.69 0.78 3.54
N ALA A 151 -9.57 0.80 4.26
CA ALA A 151 -9.28 1.86 5.21
C ALA A 151 -7.79 1.89 5.51
N ASN A 152 -7.10 2.77 4.79
CA ASN A 152 -5.66 2.95 4.94
C ASN A 152 -5.06 2.85 6.34
N GLU A 153 -5.33 3.81 7.22
CA GLU A 153 -4.75 3.82 8.55
C GLU A 153 -5.77 4.15 9.62
N PRO A 154 -6.50 3.17 10.17
CA PRO A 154 -7.22 3.33 11.43
C PRO A 154 -6.22 3.79 12.48
N SER A 155 -6.51 4.82 13.25
CA SER A 155 -5.55 5.36 14.20
C SER A 155 -6.26 6.18 15.26
N PRO A 156 -5.60 6.74 16.29
CA PRO A 156 -6.17 7.70 17.20
C PRO A 156 -6.35 9.12 16.68
N ASN A 157 -6.01 9.36 15.41
CA ASN A 157 -6.11 10.68 14.81
C ASN A 157 -7.53 11.22 14.94
N ASN A 158 -7.68 12.34 15.63
CA ASN A 158 -8.99 12.91 15.84
C ASN A 158 -9.23 14.17 15.00
N ASN A 159 -8.45 14.34 13.93
CA ASN A 159 -8.57 15.52 13.09
C ASN A 159 -9.71 15.34 12.11
N GLY A 160 -10.85 15.93 12.45
CA GLY A 160 -12.02 15.90 11.59
C GLY A 160 -13.04 14.83 11.99
N GLY A 161 -12.94 14.26 13.18
CA GLY A 161 -13.89 13.25 13.66
C GLY A 161 -13.21 12.38 14.69
N PRO A 162 -13.83 11.31 15.20
CA PRO A 162 -13.24 10.42 16.20
C PRO A 162 -12.06 9.59 15.72
N GLY A 163 -11.16 9.28 16.65
CA GLY A 163 -10.07 8.36 16.45
C GLY A 163 -10.40 7.05 17.17
N LEU A 164 -9.51 6.07 17.00
CA LEU A 164 -9.64 4.72 17.50
C LEU A 164 -8.56 4.31 18.49
N THR A 165 -8.88 3.39 19.38
CA THR A 165 -7.90 2.93 20.33
C THR A 165 -7.01 1.78 19.84
N ASN A 166 -5.82 1.64 20.41
CA ASN A 166 -4.91 0.59 19.98
C ASN A 166 -5.09 -0.69 20.78
N ASP A 167 -6.16 -1.42 20.48
CA ASP A 167 -6.57 -2.59 21.25
C ASP A 167 -7.68 -3.33 20.52
N GLU A 168 -8.28 -4.32 21.17
CA GLU A 168 -9.37 -5.10 20.59
C GLU A 168 -10.54 -4.21 20.23
N LYS A 169 -10.94 -3.26 21.06
CA LYS A 169 -12.03 -2.37 20.75
C LYS A 169 -11.76 -1.60 19.44
N GLY A 170 -10.52 -1.16 19.19
CA GLY A 170 -10.17 -0.47 17.97
C GLY A 170 -10.26 -1.40 16.77
N TRP A 171 -9.79 -2.66 16.91
CA TRP A 171 -9.91 -3.61 15.82
C TRP A 171 -11.39 -3.92 15.55
N GLU A 172 -12.20 -4.14 16.59
CA GLU A 172 -13.60 -4.44 16.41
C GLU A 172 -14.32 -3.29 15.71
N ALA A 173 -13.91 -2.05 15.92
CA ALA A 173 -14.46 -0.91 15.20
C ALA A 173 -14.18 -0.98 13.70
N VAL A 174 -12.96 -1.39 13.33
CA VAL A 174 -12.58 -1.52 11.92
C VAL A 174 -13.35 -2.68 11.31
N LYS A 175 -13.44 -3.80 12.01
CA LYS A 175 -14.16 -4.97 11.56
C LYS A 175 -15.64 -4.63 11.35
N GLU A 176 -16.24 -3.88 12.27
CA GLU A 176 -17.62 -3.44 12.15
C GLU A 176 -17.82 -2.58 10.92
N TYR A 177 -16.89 -1.67 10.64
CA TYR A 177 -16.92 -0.88 9.43
C TYR A 177 -16.80 -1.75 8.18
N ALA A 178 -15.82 -2.64 8.19
CA ALA A 178 -15.45 -3.42 7.03
C ALA A 178 -16.41 -4.50 6.58
N GLU A 179 -17.01 -5.25 7.50
CA GLU A 179 -17.87 -6.36 7.15
C GLU A 179 -19.04 -6.13 6.20
N PRO A 180 -19.89 -5.09 6.26
CA PRO A 180 -20.88 -4.84 5.22
C PRO A 180 -20.27 -4.57 3.85
N ILE A 181 -19.18 -3.81 3.79
CA ILE A 181 -18.54 -3.49 2.52
C ILE A 181 -17.90 -4.75 1.94
N VAL A 182 -17.24 -5.59 2.75
CA VAL A 182 -16.66 -6.85 2.31
C VAL A 182 -17.73 -7.71 1.64
N GLU A 183 -18.85 -7.83 2.33
CA GLU A 183 -19.95 -8.63 1.83
C GLU A 183 -20.48 -8.16 0.48
N MET A 184 -20.70 -6.85 0.33
CA MET A 184 -21.13 -6.30 -0.94
C MET A 184 -20.07 -6.56 -2.01
N LEU A 185 -18.79 -6.34 -1.71
CA LEU A 185 -17.73 -6.57 -2.67
C LEU A 185 -17.64 -8.03 -3.09
N ARG A 186 -17.90 -8.97 -2.16
CA ARG A 186 -17.92 -10.38 -2.48
C ARG A 186 -19.09 -10.72 -3.38
N GLU A 187 -20.21 -9.99 -3.31
CA GLU A 187 -21.33 -10.22 -4.22
C GLU A 187 -20.96 -9.86 -5.64
N LYS A 188 -20.02 -8.93 -5.81
CA LYS A 188 -19.62 -8.49 -7.13
C LYS A 188 -18.40 -9.23 -7.67
N GLY A 189 -17.53 -9.79 -6.82
CA GLY A 189 -16.37 -10.51 -7.29
C GLY A 189 -15.54 -11.10 -6.17
N ASP A 190 -14.42 -11.67 -6.62
CA ASP A 190 -13.47 -12.36 -5.75
C ASP A 190 -12.18 -11.60 -5.44
N ASN A 191 -12.08 -10.38 -5.97
CA ASN A 191 -10.92 -9.50 -5.80
C ASN A 191 -10.45 -9.38 -4.36
N MET A 192 -9.14 -9.38 -4.15
CA MET A 192 -8.55 -9.28 -2.82
C MET A 192 -8.93 -7.99 -2.14
N ILE A 193 -9.24 -8.09 -0.85
CA ILE A 193 -9.59 -6.95 -0.03
C ILE A 193 -8.51 -6.85 1.03
N LEU A 194 -7.95 -5.65 1.21
CA LEU A 194 -6.88 -5.42 2.17
C LEU A 194 -7.49 -4.57 3.26
N VAL A 195 -7.41 -5.00 4.52
CA VAL A 195 -8.06 -4.28 5.60
C VAL A 195 -7.01 -3.77 6.59
N GLY A 196 -7.05 -2.47 6.82
CA GLY A 196 -6.19 -1.80 7.77
C GLY A 196 -6.57 -2.18 9.20
N ASN A 197 -5.87 -1.68 10.20
CA ASN A 197 -6.11 -2.08 11.58
C ASN A 197 -5.49 -1.06 12.54
N PRO A 198 -5.60 -1.10 13.89
CA PRO A 198 -5.22 0.02 14.76
C PRO A 198 -3.79 0.50 14.68
N ASN A 199 -3.60 1.67 15.29
CA ASN A 199 -2.31 2.32 15.43
C ASN A 199 -1.62 2.50 14.08
N TRP A 200 -2.32 3.08 13.11
CA TRP A 200 -1.81 3.37 11.77
C TRP A 200 -1.40 2.10 11.03
N SER A 201 -2.28 1.10 11.13
CA SER A 201 -2.11 -0.22 10.53
C SER A 201 -0.80 -0.90 10.89
N GLN A 202 -0.57 -0.93 12.19
CA GLN A 202 0.59 -1.60 12.76
C GLN A 202 0.11 -2.85 13.47
N ARG A 203 -1.19 -3.12 13.45
CA ARG A 203 -1.73 -4.23 14.22
C ARG A 203 -2.39 -5.37 13.45
N PRO A 204 -1.79 -6.02 12.43
CA PRO A 204 -2.36 -7.19 11.78
C PRO A 204 -2.57 -8.36 12.75
N ASP A 205 -1.84 -8.34 13.86
CA ASP A 205 -1.96 -9.32 14.92
C ASP A 205 -3.33 -9.30 15.59
N LEU A 206 -3.93 -8.11 15.75
CA LEU A 206 -5.26 -7.99 16.32
C LEU A 206 -6.25 -8.59 15.34
N SER A 207 -6.04 -8.36 14.04
CA SER A 207 -6.82 -9.00 13.00
C SER A 207 -6.71 -10.52 13.08
N ALA A 208 -5.51 -11.06 13.28
CA ALA A 208 -5.33 -12.51 13.37
C ALA A 208 -6.10 -13.13 14.52
N ASP A 209 -6.21 -12.40 15.62
CA ASP A 209 -6.99 -12.88 16.75
C ASP A 209 -8.48 -12.88 16.51
N ASN A 210 -8.96 -12.03 15.60
CA ASN A 210 -10.38 -11.92 15.34
C ASN A 210 -10.65 -11.56 13.87
N PRO A 211 -10.38 -12.46 12.91
CA PRO A 211 -10.44 -12.16 11.50
C PRO A 211 -11.84 -12.06 10.93
N ILE A 212 -11.92 -11.36 9.80
CA ILE A 212 -13.17 -11.26 9.06
C ILE A 212 -13.37 -12.62 8.43
N ASP A 213 -14.56 -13.16 8.59
CA ASP A 213 -14.87 -14.45 8.05
C ASP A 213 -15.33 -14.24 6.62
N ALA A 214 -14.36 -14.32 5.72
CA ALA A 214 -14.62 -14.15 4.31
C ALA A 214 -13.35 -14.62 3.63
N GLU A 215 -13.48 -14.90 2.34
CA GLU A 215 -12.37 -15.31 1.52
C GLU A 215 -11.61 -14.11 0.98
N ASN A 216 -10.32 -14.34 0.72
CA ASN A 216 -9.42 -13.37 0.13
C ASN A 216 -9.34 -12.01 0.80
N ILE A 217 -9.20 -12.07 2.12
CA ILE A 217 -9.02 -10.87 2.92
C ILE A 217 -7.58 -10.88 3.41
N MET A 218 -6.83 -9.79 3.30
CA MET A 218 -5.48 -9.70 3.81
C MET A 218 -5.45 -8.49 4.73
N TYR A 219 -4.52 -8.45 5.68
CA TYR A 219 -4.48 -7.37 6.64
C TYR A 219 -3.22 -6.57 6.48
N SER A 220 -3.38 -5.25 6.56
CA SER A 220 -2.29 -4.32 6.34
C SER A 220 -1.25 -4.23 7.44
N VAL A 221 -0.04 -3.88 7.04
CA VAL A 221 0.99 -3.47 7.98
C VAL A 221 1.61 -2.23 7.35
N HIS A 222 1.88 -1.21 8.14
CA HIS A 222 2.52 0.00 7.65
C HIS A 222 3.72 0.27 8.52
N PHE A 223 4.88 0.61 7.94
CA PHE A 223 6.08 0.86 8.70
C PHE A 223 6.94 1.92 8.04
N TYR A 224 7.74 2.64 8.83
CA TYR A 224 8.63 3.66 8.32
C TYR A 224 9.93 3.29 8.98
N THR A 225 10.96 3.11 8.17
CA THR A 225 12.20 2.54 8.68
C THR A 225 12.95 3.45 9.64
N GLY A 226 12.59 4.74 9.69
CA GLY A 226 13.15 5.62 10.67
C GLY A 226 12.49 5.54 12.03
N SER A 227 11.40 4.81 12.15
CA SER A 227 10.69 4.77 13.41
C SER A 227 10.37 3.36 13.87
N HIS A 228 10.26 2.37 12.99
CA HIS A 228 9.79 1.07 13.42
C HIS A 228 10.95 0.10 13.24
N GLY A 229 11.57 -0.21 14.38
CA GLY A 229 12.76 -1.02 14.43
C GLY A 229 12.51 -2.48 14.16
N ALA A 230 13.44 -3.05 13.40
CA ALA A 230 13.41 -4.45 13.05
C ALA A 230 13.61 -5.31 14.29
N SER A 231 13.12 -6.53 14.23
CA SER A 231 13.12 -7.43 15.35
C SER A 231 13.24 -8.83 14.77
N HIS A 232 13.95 -9.70 15.48
CA HIS A 232 14.07 -11.07 15.03
C HIS A 232 13.40 -12.00 16.05
N ILE A 233 13.11 -11.52 17.26
CA ILE A 233 12.48 -12.33 18.29
C ILE A 233 10.98 -12.11 18.12
N GLY A 234 10.26 -13.18 17.83
CA GLY A 234 8.83 -13.12 17.74
C GLY A 234 8.26 -13.20 19.15
N TYR A 235 7.01 -12.81 19.35
CA TYR A 235 6.36 -12.90 20.64
C TYR A 235 6.31 -14.34 21.12
N PRO A 236 6.58 -14.62 22.40
CA PRO A 236 6.38 -15.92 23.02
C PRO A 236 4.95 -16.39 22.83
N GLU A 237 4.72 -17.68 22.68
CA GLU A 237 3.38 -18.16 22.52
C GLU A 237 2.56 -17.82 23.76
N GLY A 238 1.35 -17.34 23.55
CA GLY A 238 0.50 -16.93 24.63
C GLY A 238 0.63 -15.45 24.97
N THR A 239 1.50 -14.66 24.31
CA THR A 239 1.62 -13.25 24.62
C THR A 239 0.33 -12.48 24.37
N PRO A 240 -0.27 -11.83 25.38
CA PRO A 240 -1.44 -10.99 25.18
C PRO A 240 -1.18 -9.77 24.33
N SER A 241 -2.24 -9.31 23.68
CA SER A 241 -2.17 -8.20 22.74
C SER A 241 -1.60 -6.91 23.32
N SER A 242 -1.84 -6.65 24.61
CA SER A 242 -1.31 -5.47 25.26
C SER A 242 0.21 -5.34 25.17
N GLU A 243 0.92 -6.45 25.02
CA GLU A 243 2.36 -6.41 24.94
C GLU A 243 2.90 -6.26 23.53
N ARG A 244 2.03 -6.31 22.51
CA ARG A 244 2.51 -6.37 21.15
C ARG A 244 2.60 -5.01 20.50
N SER A 245 3.77 -4.40 20.64
CA SER A 245 3.98 -3.10 20.08
C SER A 245 5.04 -3.03 18.99
N ASN A 246 5.83 -4.07 18.75
CA ASN A 246 6.86 -4.01 17.73
C ASN A 246 6.21 -4.43 16.42
N VAL A 247 6.25 -3.55 15.43
CA VAL A 247 5.55 -3.75 14.17
C VAL A 247 6.05 -5.00 13.45
N MET A 248 7.37 -5.25 13.37
CA MET A 248 7.88 -6.44 12.70
C MET A 248 7.42 -7.72 13.39
N ALA A 249 7.45 -7.73 14.72
CA ALA A 249 6.99 -8.88 15.47
C ALA A 249 5.48 -9.05 15.31
N ASN A 250 4.70 -7.97 15.15
CA ASN A 250 3.26 -8.05 14.91
C ASN A 250 2.96 -8.72 13.58
N VAL A 251 3.79 -8.50 12.56
CA VAL A 251 3.66 -9.16 11.26
C VAL A 251 3.91 -10.66 11.44
N ARG A 252 5.01 -11.02 12.12
CA ARG A 252 5.31 -12.42 12.36
C ARG A 252 4.18 -13.10 13.12
N TYR A 253 3.55 -12.40 14.07
CA TYR A 253 2.44 -12.95 14.84
C TYR A 253 1.28 -13.22 13.89
N ALA A 254 0.87 -12.25 13.06
CA ALA A 254 -0.23 -12.43 12.14
C ALA A 254 -0.04 -13.64 11.23
N LEU A 255 1.15 -13.77 10.65
CA LEU A 255 1.46 -14.88 9.78
C LEU A 255 1.46 -16.20 10.51
N ASP A 256 2.05 -16.26 11.71
CA ASP A 256 2.07 -17.49 12.49
C ASP A 256 0.69 -17.86 13.03
N ASN A 257 -0.22 -16.88 13.07
CA ASN A 257 -1.54 -17.17 13.58
C ASN A 257 -2.63 -17.17 12.52
N GLY A 258 -2.28 -17.61 11.32
CA GLY A 258 -3.28 -17.87 10.29
C GLY A 258 -3.76 -16.75 9.38
N VAL A 259 -3.27 -15.51 9.35
CA VAL A 259 -3.79 -14.57 8.35
C VAL A 259 -2.68 -14.12 7.41
N ALA A 260 -3.08 -13.59 6.26
CA ALA A 260 -2.16 -13.07 5.27
C ALA A 260 -1.97 -11.58 5.49
N VAL A 261 -0.76 -11.03 5.25
CA VAL A 261 -0.52 -9.60 5.47
C VAL A 261 -0.01 -8.95 4.19
N PHE A 262 -0.30 -7.66 4.01
CA PHE A 262 0.12 -6.92 2.82
C PHE A 262 0.61 -5.58 3.37
N ALA A 263 1.85 -5.21 3.05
CA ALA A 263 2.41 -3.95 3.50
C ALA A 263 1.98 -2.91 2.49
N THR A 264 0.75 -2.40 2.66
CA THR A 264 0.21 -1.46 1.70
C THR A 264 0.87 -0.08 1.73
N GLU A 265 1.75 0.23 2.69
CA GLU A 265 2.40 1.53 2.72
C GLU A 265 3.58 1.47 3.67
N TRP A 266 4.73 1.88 3.16
CA TRP A 266 5.91 1.97 3.98
C TRP A 266 6.78 3.11 3.45
N GLY A 267 7.66 3.68 4.26
CA GLY A 267 8.51 4.77 3.81
C GLY A 267 9.90 4.62 4.40
N THR A 268 10.88 5.29 3.78
CA THR A 268 12.27 5.25 4.19
C THR A 268 12.62 6.32 5.24
N SER A 269 11.63 7.08 5.66
CA SER A 269 11.79 8.13 6.61
C SER A 269 11.20 7.73 7.95
N GLN A 270 11.01 8.70 8.85
CA GLN A 270 10.26 8.46 10.07
C GLN A 270 8.78 8.54 9.70
N ALA A 271 7.87 8.02 10.52
CA ALA A 271 6.43 7.91 10.24
C ALA A 271 5.62 9.01 9.54
N ASN A 272 6.16 10.20 9.80
CA ASN A 272 5.69 11.48 9.30
C ASN A 272 5.87 11.64 7.80
N GLY A 273 6.90 11.06 7.22
CA GLY A 273 7.21 11.21 5.82
C GLY A 273 8.50 12.00 5.63
N ASP A 274 9.24 12.19 6.73
CA ASP A 274 10.46 12.98 6.74
C ASP A 274 11.47 12.41 7.73
N GLY A 275 12.73 12.83 7.66
CA GLY A 275 13.83 12.31 8.48
C GLY A 275 14.63 11.29 7.68
N GLY A 276 15.96 11.15 7.85
CA GLY A 276 16.73 10.14 7.11
C GLY A 276 17.12 10.50 5.69
N PRO A 277 16.98 9.64 4.66
CA PRO A 277 16.42 8.29 4.74
C PRO A 277 17.17 7.24 5.55
N TYR A 278 16.48 6.17 5.92
CA TYR A 278 17.05 5.12 6.73
C TYR A 278 17.19 3.88 5.88
N PHE A 279 18.26 3.81 5.09
CA PHE A 279 18.43 2.74 4.12
C PHE A 279 18.88 1.39 4.65
N ASP A 280 19.88 1.30 5.54
CA ASP A 280 20.26 0.00 6.09
C ASP A 280 19.10 -0.73 6.80
N GLU A 281 18.17 0.06 7.37
CA GLU A 281 16.99 -0.42 8.07
C GLU A 281 16.00 -0.93 7.05
N ALA A 282 15.87 -0.14 5.99
CA ALA A 282 15.02 -0.47 4.86
C ALA A 282 15.49 -1.78 4.24
N ASP A 283 16.78 -2.07 4.16
CA ASP A 283 17.25 -3.35 3.66
C ASP A 283 16.80 -4.50 4.54
N VAL A 284 16.89 -4.33 5.86
CA VAL A 284 16.46 -5.37 6.79
C VAL A 284 14.95 -5.60 6.67
N TRP A 285 14.14 -4.54 6.67
CA TRP A 285 12.70 -4.67 6.52
C TRP A 285 12.32 -5.26 5.17
N LEU A 286 12.90 -4.83 4.04
CA LEU A 286 12.53 -5.39 2.75
C LEU A 286 13.04 -6.81 2.59
N ASN A 287 14.21 -7.18 3.10
CA ASN A 287 14.62 -8.58 3.07
C ASN A 287 13.65 -9.42 3.89
N PHE A 288 13.12 -8.90 5.01
CA PHE A 288 12.10 -9.62 5.79
C PHE A 288 10.85 -9.79 4.96
N LEU A 289 10.31 -8.73 4.37
CA LEU A 289 9.12 -8.80 3.53
C LEU A 289 9.27 -9.77 2.37
N ASN A 290 10.39 -9.64 1.65
CA ASN A 290 10.68 -10.44 0.46
C ASN A 290 10.81 -11.91 0.80
N LYS A 291 11.58 -12.27 1.83
CA LYS A 291 11.71 -13.66 2.25
C LYS A 291 10.36 -14.29 2.64
N HIS A 292 9.44 -13.47 3.16
CA HIS A 292 8.17 -14.02 3.63
C HIS A 292 7.04 -13.75 2.65
N ASN A 293 7.35 -13.41 1.39
CA ASN A 293 6.38 -13.13 0.33
C ASN A 293 5.27 -12.16 0.73
N ILE A 294 5.68 -11.02 1.31
CA ILE A 294 4.72 -9.98 1.67
C ILE A 294 4.90 -8.88 0.63
N SER A 295 3.81 -8.56 -0.07
CA SER A 295 3.77 -7.52 -1.06
C SER A 295 3.90 -6.15 -0.40
N TRP A 296 4.41 -5.16 -1.13
CA TRP A 296 4.62 -3.86 -0.56
C TRP A 296 4.50 -2.70 -1.53
N ALA A 297 3.95 -1.60 -1.01
CA ALA A 297 3.80 -0.36 -1.76
C ALA A 297 4.54 0.75 -1.03
N ASN A 298 5.48 1.44 -1.67
CA ASN A 298 6.24 2.49 -1.02
C ASN A 298 5.59 3.87 -1.13
N TRP A 299 5.57 4.65 -0.06
CA TRP A 299 5.06 6.01 -0.05
C TRP A 299 6.21 6.98 -0.32
N SER A 300 6.24 7.87 -1.32
CA SER A 300 5.19 8.04 -2.28
C SER A 300 5.70 8.74 -3.54
N LEU A 301 4.85 8.71 -4.58
CA LEU A 301 5.11 9.39 -5.83
C LEU A 301 4.88 10.90 -5.73
N THR A 302 5.75 11.63 -5.06
CA THR A 302 5.59 13.08 -4.96
C THR A 302 6.94 13.74 -5.11
N ASN A 303 6.86 15.01 -5.50
CA ASN A 303 8.03 15.87 -5.63
C ASN A 303 7.98 16.90 -4.51
N LYS A 304 7.14 16.71 -3.49
CA LYS A 304 7.08 17.58 -2.33
C LYS A 304 8.41 17.46 -1.61
N ASN A 305 8.88 18.53 -0.99
CA ASN A 305 10.13 18.46 -0.26
C ASN A 305 9.97 17.74 1.07
N GLU A 306 9.97 16.42 1.06
CA GLU A 306 9.92 15.62 2.28
C GLU A 306 10.68 14.38 1.89
N ILE A 307 11.39 13.78 2.83
CA ILE A 307 12.29 12.70 2.48
C ILE A 307 11.65 11.47 1.87
N SER A 308 10.44 11.09 2.29
CA SER A 308 9.82 9.90 1.73
C SER A 308 9.44 10.03 0.25
N GLY A 309 9.32 11.28 -0.22
CA GLY A 309 8.94 11.57 -1.59
C GLY A 309 9.96 11.00 -2.55
N ALA A 310 9.48 10.38 -3.60
CA ALA A 310 10.34 9.74 -4.57
C ALA A 310 11.03 10.66 -5.56
N PHE A 311 10.58 11.89 -5.77
CA PHE A 311 11.15 12.73 -6.81
C PHE A 311 11.80 13.98 -6.25
N THR A 312 12.85 14.44 -6.93
CA THR A 312 13.58 15.64 -6.54
C THR A 312 12.66 16.87 -6.43
N PRO A 313 12.69 17.54 -5.28
CA PRO A 313 11.89 18.73 -5.02
C PRO A 313 12.54 20.00 -5.55
N PHE A 314 11.80 21.10 -5.50
CA PHE A 314 12.34 22.39 -5.81
C PHE A 314 13.16 22.77 -4.59
N GLU A 315 14.41 23.14 -4.82
CA GLU A 315 15.28 23.64 -3.78
C GLU A 315 15.93 24.83 -4.46
N LEU A 316 15.46 26.02 -4.05
CA LEU A 316 15.88 27.32 -4.57
C LEU A 316 17.28 27.42 -5.14
N GLY A 317 18.25 27.04 -4.31
CA GLY A 317 19.65 27.03 -4.67
C GLY A 317 19.89 26.35 -6.02
N ARG A 318 19.53 25.07 -6.17
CA ARG A 318 19.70 24.38 -7.44
C ARG A 318 19.06 23.00 -7.45
N THR A 319 17.81 22.98 -7.89
CA THR A 319 17.04 21.81 -8.28
C THR A 319 15.62 22.30 -8.43
N ASP A 320 15.07 21.98 -9.59
CA ASP A 320 13.67 22.26 -9.83
C ASP A 320 12.97 20.97 -9.49
N ALA A 321 11.69 21.05 -9.14
CA ALA A 321 10.94 19.85 -8.86
C ALA A 321 10.75 19.05 -10.13
N THR A 322 10.94 17.75 -10.01
CA THR A 322 10.75 16.82 -11.12
C THR A 322 9.29 16.82 -11.53
N ASP A 323 9.10 16.84 -12.84
CA ASP A 323 7.78 16.77 -13.43
C ASP A 323 7.32 15.33 -13.24
N LEU A 324 6.09 15.18 -12.75
CA LEU A 324 5.50 13.87 -12.51
C LEU A 324 5.11 13.15 -13.79
N ASP A 325 5.19 13.84 -14.93
CA ASP A 325 5.08 13.20 -16.22
C ASP A 325 6.53 13.13 -16.69
N PRO A 326 7.15 11.96 -16.91
CA PRO A 326 8.53 11.84 -17.38
C PRO A 326 8.76 12.14 -18.85
N GLY A 327 7.70 12.34 -19.64
CA GLY A 327 7.86 12.71 -21.03
C GLY A 327 7.94 11.47 -21.90
N ALA A 328 8.17 11.67 -23.19
CA ALA A 328 8.18 10.63 -24.19
C ALA A 328 9.12 9.46 -24.00
N ASN A 329 10.28 9.69 -23.39
CA ASN A 329 11.25 8.62 -23.16
C ASN A 329 10.77 7.68 -22.06
N GLN A 330 9.79 8.13 -21.27
CA GLN A 330 9.14 7.38 -20.19
C GLN A 330 10.12 6.78 -19.19
N VAL A 331 11.09 7.60 -18.79
CA VAL A 331 12.12 7.26 -17.81
C VAL A 331 12.37 8.57 -17.06
N TRP A 332 12.54 8.56 -15.74
CA TRP A 332 12.95 9.75 -15.02
C TRP A 332 14.46 9.55 -14.86
N ALA A 333 15.26 10.56 -15.20
CA ALA A 333 16.70 10.50 -15.02
C ALA A 333 17.10 10.30 -13.56
N PRO A 334 18.22 9.65 -13.21
CA PRO A 334 18.68 9.46 -11.84
C PRO A 334 18.62 10.68 -10.93
N GLU A 335 19.13 11.83 -11.36
CA GLU A 335 19.09 13.03 -10.55
C GLU A 335 17.70 13.64 -10.39
N GLU A 336 16.69 13.10 -11.10
CA GLU A 336 15.33 13.54 -10.97
C GLU A 336 14.58 12.72 -9.91
N LEU A 337 15.23 11.69 -9.37
CA LEU A 337 14.65 10.91 -8.31
C LEU A 337 15.40 11.35 -7.08
N SER A 338 14.73 11.39 -5.93
CA SER A 338 15.38 11.76 -4.70
C SER A 338 16.21 10.57 -4.24
N LEU A 339 16.94 10.69 -3.13
CA LEU A 339 17.63 9.56 -2.52
C LEU A 339 16.65 8.41 -2.31
N SER A 340 15.49 8.68 -1.71
CA SER A 340 14.47 7.66 -1.48
C SER A 340 13.96 7.05 -2.79
N GLY A 341 13.56 7.85 -3.78
CA GLY A 341 13.04 7.31 -5.03
C GLY A 341 14.03 6.43 -5.78
N GLU A 342 15.30 6.82 -5.77
CA GLU A 342 16.37 6.06 -6.40
C GLU A 342 16.54 4.71 -5.74
N TYR A 343 16.50 4.68 -4.41
CA TYR A 343 16.64 3.45 -3.67
C TYR A 343 15.47 2.51 -3.93
N VAL A 344 14.25 3.02 -3.75
CA VAL A 344 13.05 2.22 -3.89
C VAL A 344 12.94 1.67 -5.31
N ARG A 345 13.25 2.46 -6.34
CA ARG A 345 13.27 1.96 -7.72
C ARG A 345 14.17 0.73 -7.82
N ALA A 346 15.39 0.79 -7.25
CA ALA A 346 16.31 -0.34 -7.29
C ALA A 346 15.73 -1.57 -6.61
N ARG A 347 15.09 -1.39 -5.46
CA ARG A 347 14.49 -2.49 -4.71
C ARG A 347 13.25 -3.08 -5.37
N ILE A 348 12.45 -2.28 -6.10
CA ILE A 348 11.27 -2.78 -6.81
C ILE A 348 11.78 -3.62 -7.98
N LYS A 349 12.80 -3.10 -8.66
CA LYS A 349 13.40 -3.74 -9.81
C LYS A 349 14.20 -4.98 -9.44
N GLY A 350 14.74 -4.99 -8.23
CA GLY A 350 15.55 -6.10 -7.73
C GLY A 350 16.96 -6.01 -8.27
N ILE A 351 17.44 -4.79 -8.56
CA ILE A 351 18.78 -4.57 -9.06
C ILE A 351 19.65 -4.11 -7.90
N GLU A 352 20.95 -4.09 -8.11
CA GLU A 352 21.89 -3.60 -7.12
C GLU A 352 21.69 -2.11 -6.89
N TYR A 353 21.80 -1.66 -5.64
CA TYR A 353 21.67 -0.26 -5.33
C TYR A 353 23.03 0.40 -5.55
N THR A 354 23.11 1.18 -6.62
CA THR A 354 24.30 1.90 -7.03
C THR A 354 23.98 3.38 -7.17
N PRO A 355 23.83 4.13 -6.06
CA PRO A 355 23.37 5.50 -6.11
C PRO A 355 24.38 6.47 -6.73
N ILE A 356 23.83 7.45 -7.45
CA ILE A 356 24.65 8.48 -8.06
C ILE A 356 25.30 9.38 -7.02
N ASP A 357 26.45 9.93 -7.39
CA ASP A 357 27.13 10.89 -6.56
C ASP A 357 26.30 12.16 -6.68
N ARG A 358 25.74 12.67 -5.58
CA ARG A 358 24.93 13.89 -5.63
C ARG A 358 25.77 15.16 -5.50
N THR A 359 27.08 14.99 -5.80
CA THR A 359 28.19 15.92 -5.67
C THR A 359 28.61 15.94 -4.20
CD CD B . 4.04 -11.46 28.51
CD CD C . 2.57 -0.74 -21.93
CD CD D . -25.21 -10.69 5.45
CD CD E . -21.47 0.27 16.49
CD CD F . -19.23 3.77 -15.15
CD CD G . 10.33 -16.79 9.25
CD CD H . 0.92 6.40 6.69
CD CD I . 0.18 10.45 8.44
CD CD J . -26.45 0.77 -4.03
CD CD K . -9.17 13.66 -16.73
C ACY L . -19.41 -0.30 18.79
O ACY L . -19.41 0.88 18.52
OXT ACY L . -20.14 -0.97 18.09
CH3 ACY L . -18.49 -0.81 19.84
C ACY M . 4.08 1.18 -23.59
O ACY M . 2.88 1.07 -23.85
OXT ACY M . 4.57 0.59 -22.60
CH3 ACY M . 4.70 2.05 -24.57
C ACY N . 3.32 -2.57 -20.05
O ACY N . 3.79 -1.43 -19.95
OXT ACY N . 2.22 -2.79 -20.66
CH3 ACY N . 4.15 -3.54 -19.39
C ACY O . 7.76 -15.87 10.50
O ACY O . 8.84 -15.46 11.01
OXT ACY O . 7.64 -16.70 9.56
CH3 ACY O . 6.54 -15.29 10.97
C ACY P . -0.38 12.57 10.59
O ACY P . -0.15 12.90 9.42
OXT ACY P . -0.54 11.39 10.96
CH3 ACY P . -0.48 13.67 11.53
#